data_7PTL
#
_entry.id   7PTL
#
_cell.length_a   1.00
_cell.length_b   1.00
_cell.length_c   1.00
_cell.angle_alpha   90.00
_cell.angle_beta   90.00
_cell.angle_gamma   90.00
#
_symmetry.space_group_name_H-M   'P 1'
#
_entity_poly.entity_id   1
_entity_poly.type   'polyribonucleotide'
_entity_poly.pdbx_seq_one_letter_code
;GGGAGAGUACUAUUCAGAUGCAGACCGCAAGUUCAGAGCGGUUUGCAUCUAGGGUACGUUUUCGAACGUAUCCUCCGACU
AAGUGUAUUCGUAUACUUAGUGCCUUGUGCCUGCUUCGGCAGGCAUGACCCAAAUGUGCCUUUCGGGGCACAUUUCCGGU
CAUCCAAGUUCGCUUGGGUGAUGCGGGCGUAUAGGUUCGUCUAUACGUCCGCGUUUUCCGAGAAGAGGUAACUCGGGAAA
CCGGUCCACGUGACAAAGGUAGAGUUACGUGGAGGGAGCAGCUGCAAAGGGAUAAUGCAGUUGCUGGCUGGAUGCCAGAA
CUCACGACUGGCAUCUACGGGGAUGGUGCUCUCCCAAUUCUCCAUUUACCGCCGAAUCGACCCCAACGUGAGAGGGGUCG
GUUCCCCGAGCAUAGACCAAUAUCCCAGGUUUAUGCUCCCCAACGCUGGACGAACUACCUACGUCUAGCGUUCCGGCAAA
UGAGUCAAUACCUCAGACUUAUUUGCGGUGCCUGAGCCUAAACUGAACAUGGGUUCAGGCAUCUUGGCUCCAGUUCGCUG
GAGCCGACGGUAGCGCUGCGUUCGCGCAGUGCUAGGGAGCAUCCGUUUUCGAGCGGAUGCUGGGCGGUUGCCUGUUCGCA
GGCAAUCGGGCCUACUCAUGAUUCGUCAUGAGUGGUGACAGCGUGAUGUUCGCAUUACGCUGUCGGGUAGAUGGAGAAUU
;
_entity_poly.pdbx_strand_id   B
#
loop_
_chem_comp.id
_chem_comp.type
_chem_comp.name
_chem_comp.formula
A RNA linking ADENOSINE-5'-MONOPHOSPHATE 'C10 H14 N5 O7 P'
C RNA linking CYTIDINE-5'-MONOPHOSPHATE 'C9 H14 N3 O8 P'
G RNA linking GUANOSINE-5'-MONOPHOSPHATE 'C10 H14 N5 O8 P'
U RNA linking URIDINE-5'-MONOPHOSPHATE 'C9 H13 N2 O9 P'
#